data_7ZWS
#
_entry.id   7ZWS
#
_cell.length_a   67.110
_cell.length_b   67.110
_cell.length_c   164.380
_cell.angle_alpha   90.000
_cell.angle_beta   90.000
_cell.angle_gamma   120.000
#
_symmetry.space_group_name_H-M   'P 61 2 2'
#
loop_
_entity.id
_entity.type
_entity.pdbx_description
1 polymer 'B-cell lymphoma 6 protein'
2 polymer ALA-TRP-VAL-ILE-PRO-ALA
3 non-polymer '2-[3-cyano-6-thiophen-2-yl-4-(trifluoromethyl)pyridin-2-yl]sulfanyl-2-phenyl-ethanoic acid'
4 non-polymer 1,2-ETHANEDIOL
5 non-polymer 'DIMETHYL SULFOXIDE'
6 non-polymer 'CHLORIDE ION'
7 water water
#
loop_
_entity_poly.entity_id
_entity_poly.type
_entity_poly.pdbx_seq_one_letter_code
_entity_poly.pdbx_strand_id
1 'polypeptide(L)'
;GPGADSCIQFTRHASDVLLNLNRLRSRDILTDVVIVVSREQFRAHKTVLMACSGLFYSIFTDQLKCNLSVINLDPEINPE
GFCILLDFMYTSRLNLREGNIMAVMATAMYLQMEHVVDTCRKFIKASE
;
A
2 'polypeptide(L)' AWVIPA B
#
# COMPACT_ATOMS: atom_id res chain seq x y z
N ALA A 4 11.64 -23.45 -13.77
CA ALA A 4 11.22 -24.47 -14.73
C ALA A 4 10.06 -24.00 -15.60
N ASP A 5 10.04 -24.48 -16.86
CA ASP A 5 9.00 -24.20 -17.85
C ASP A 5 7.85 -25.22 -17.73
N SER A 6 8.01 -26.21 -16.83
CA SER A 6 7.01 -27.25 -16.59
C SER A 6 6.08 -26.95 -15.39
N CYS A 7 6.12 -25.73 -14.80
CA CYS A 7 5.30 -25.37 -13.64
CA CYS A 7 5.29 -25.42 -13.64
C CYS A 7 3.80 -25.32 -13.94
N ILE A 8 2.97 -25.56 -12.92
CA ILE A 8 1.51 -25.32 -13.01
C ILE A 8 1.37 -24.08 -12.07
N GLN A 9 0.28 -23.34 -12.20
CA GLN A 9 0.09 -22.11 -11.41
C GLN A 9 -1.26 -22.12 -10.73
N PHE A 10 -1.34 -21.67 -9.46
CA PHE A 10 -2.61 -21.58 -8.77
C PHE A 10 -3.02 -20.12 -8.93
N THR A 11 -4.01 -19.91 -9.77
N THR A 11 -4.05 -19.89 -9.74
CA THR A 11 -4.49 -18.57 -10.10
CA THR A 11 -4.57 -18.56 -10.12
C THR A 11 -4.74 -17.69 -8.88
C THR A 11 -4.96 -17.63 -8.97
N ARG A 12 -5.44 -18.21 -7.87
CA ARG A 12 -5.85 -17.42 -6.69
C ARG A 12 -4.78 -17.21 -5.66
N HIS A 13 -3.61 -17.86 -5.82
CA HIS A 13 -2.57 -17.77 -4.80
C HIS A 13 -2.19 -16.35 -4.40
N ALA A 14 -1.84 -15.48 -5.36
CA ALA A 14 -1.35 -14.15 -4.97
C ALA A 14 -2.43 -13.37 -4.21
N SER A 15 -3.70 -13.44 -4.65
N SER A 15 -3.69 -13.48 -4.67
N SER A 15 -3.70 -13.47 -4.67
CA SER A 15 -4.75 -12.71 -3.93
CA SER A 15 -4.83 -12.81 -4.04
CA SER A 15 -4.82 -12.79 -4.01
C SER A 15 -5.00 -13.32 -2.56
C SER A 15 -5.05 -13.35 -2.62
C SER A 15 -5.06 -13.34 -2.61
N ASP A 16 -4.91 -14.67 -2.44
CA ASP A 16 -5.07 -15.31 -1.11
C ASP A 16 -3.93 -14.88 -0.19
N VAL A 17 -2.68 -14.79 -0.71
CA VAL A 17 -1.55 -14.33 0.11
C VAL A 17 -1.85 -12.90 0.60
N LEU A 18 -2.29 -12.03 -0.30
CA LEU A 18 -2.53 -10.64 0.06
C LEU A 18 -3.66 -10.56 1.12
N LEU A 19 -4.72 -11.36 0.94
N LEU A 19 -4.74 -11.35 0.94
CA LEU A 19 -5.83 -11.43 1.89
CA LEU A 19 -5.83 -11.39 1.92
C LEU A 19 -5.33 -11.85 3.29
C LEU A 19 -5.28 -11.80 3.29
N ASN A 20 -4.37 -12.80 3.32
CA ASN A 20 -3.81 -13.26 4.60
C ASN A 20 -2.86 -12.24 5.18
N LEU A 21 -2.13 -11.54 4.33
CA LEU A 21 -1.26 -10.46 4.90
C LEU A 21 -2.14 -9.36 5.52
N ASN A 22 -3.26 -9.08 4.89
CA ASN A 22 -4.17 -8.09 5.46
C ASN A 22 -4.75 -8.56 6.79
N ARG A 23 -5.03 -9.85 6.88
CA ARG A 23 -5.51 -10.42 8.12
C ARG A 23 -4.46 -10.29 9.21
N LEU A 24 -3.20 -10.51 8.87
CA LEU A 24 -2.14 -10.33 9.82
C LEU A 24 -2.10 -8.88 10.29
N ARG A 25 -2.21 -7.95 9.34
CA ARG A 25 -2.22 -6.53 9.70
C ARG A 25 -3.41 -6.23 10.64
N SER A 26 -4.64 -6.69 10.32
N SER A 26 -4.62 -6.75 10.32
N SER A 26 -4.62 -6.72 10.32
CA SER A 26 -5.77 -6.38 11.19
CA SER A 26 -5.85 -6.55 11.10
CA SER A 26 -5.84 -6.49 11.12
C SER A 26 -5.56 -6.91 12.62
C SER A 26 -5.73 -7.03 12.55
C SER A 26 -5.71 -7.02 12.56
N ARG A 27 -4.95 -8.09 12.73
CA ARG A 27 -4.72 -8.71 14.03
C ARG A 27 -3.43 -8.26 14.67
N ASP A 28 -2.74 -7.36 14.01
CA ASP A 28 -1.48 -6.81 14.47
C ASP A 28 -0.42 -7.89 14.70
N ILE A 29 -0.36 -8.84 13.78
CA ILE A 29 0.58 -9.95 13.91
C ILE A 29 1.82 -9.65 13.08
N LEU A 30 2.99 -9.68 13.73
CA LEU A 30 4.30 -9.48 13.10
C LEU A 30 4.46 -8.15 12.38
N THR A 31 3.61 -7.15 12.71
CA THR A 31 3.81 -5.79 12.18
C THR A 31 5.12 -5.31 12.83
N ASP A 32 5.93 -4.64 12.03
CA ASP A 32 7.28 -4.27 12.47
C ASP A 32 7.62 -2.80 12.27
N VAL A 33 6.64 -1.98 11.89
CA VAL A 33 6.89 -0.55 11.74
C VAL A 33 5.59 0.20 12.01
N VAL A 34 5.72 1.41 12.53
CA VAL A 34 4.62 2.33 12.74
C VAL A 34 4.94 3.49 11.79
N ILE A 35 4.00 3.83 10.92
CA ILE A 35 4.13 4.97 10.02
C ILE A 35 3.32 6.07 10.67
N VAL A 36 3.98 7.22 10.92
CA VAL A 36 3.31 8.34 11.57
C VAL A 36 3.02 9.41 10.55
N VAL A 37 1.74 9.83 10.48
CA VAL A 37 1.28 10.81 9.49
C VAL A 37 0.55 11.88 10.30
N SER A 38 1.26 12.95 10.64
N SER A 38 1.23 12.98 10.59
CA SER A 38 0.67 13.97 11.49
CA SER A 38 0.60 14.07 11.33
C SER A 38 0.35 13.35 12.84
C SER A 38 -0.03 13.59 12.60
N ARG A 39 -0.89 13.44 13.27
N ARG A 39 0.72 12.80 13.36
CA ARG A 39 -1.24 12.87 14.57
CA ARG A 39 0.32 12.22 14.65
C ARG A 39 -1.60 11.37 14.53
C ARG A 39 -0.71 11.07 14.59
N GLU A 40 -1.59 10.78 13.35
N GLU A 40 -1.07 10.63 13.40
CA GLU A 40 -2.02 9.40 13.21
CA GLU A 40 -1.93 9.47 13.24
C GLU A 40 -0.93 8.36 13.04
C GLU A 40 -0.91 8.35 13.03
N GLN A 41 -1.12 7.20 13.66
CA GLN A 41 -0.15 6.11 13.59
C GLN A 41 -0.76 4.94 12.86
N PHE A 42 0.02 4.30 11.97
CA PHE A 42 -0.44 3.15 11.20
C PHE A 42 0.57 2.04 11.33
N ARG A 43 0.14 0.88 11.83
CA ARG A 43 1.05 -0.25 11.95
C ARG A 43 1.03 -1.02 10.65
N ALA A 44 2.19 -1.49 10.22
CA ALA A 44 2.27 -2.21 8.95
C ALA A 44 3.46 -3.17 8.94
N HIS A 45 3.61 -3.88 7.85
CA HIS A 45 4.72 -4.79 7.63
C HIS A 45 5.63 -4.11 6.64
N LYS A 46 6.90 -4.00 6.96
CA LYS A 46 7.83 -3.32 6.08
C LYS A 46 7.91 -3.96 4.71
N THR A 47 7.91 -5.28 4.67
CA THR A 47 7.96 -5.92 3.35
C THR A 47 6.79 -5.59 2.46
N VAL A 48 5.57 -5.46 3.02
CA VAL A 48 4.43 -5.10 2.17
C VAL A 48 4.57 -3.65 1.69
N LEU A 49 5.01 -2.75 2.58
CA LEU A 49 5.21 -1.37 2.18
C LEU A 49 6.23 -1.26 1.03
N MET A 50 7.36 -2.00 1.15
CA MET A 50 8.43 -1.98 0.12
C MET A 50 7.93 -2.56 -1.18
N ALA A 51 7.09 -3.59 -1.11
CA ALA A 51 6.56 -4.25 -2.31
C ALA A 51 5.57 -3.35 -3.06
N CYS A 52 5.03 -2.32 -2.38
CA CYS A 52 4.01 -1.46 -3.00
C CYS A 52 4.45 -0.07 -3.34
N SER A 53 5.47 0.43 -2.64
CA SER A 53 5.80 1.84 -2.73
C SER A 53 7.27 2.05 -3.01
N GLY A 54 7.57 2.86 -4.03
CA GLY A 54 8.95 3.17 -4.34
C GLY A 54 9.62 3.90 -3.19
N LEU A 55 8.85 4.76 -2.46
CA LEU A 55 9.41 5.47 -1.33
C LEU A 55 9.78 4.51 -0.22
N PHE A 56 8.86 3.59 0.15
CA PHE A 56 9.21 2.64 1.22
C PHE A 56 10.29 1.67 0.81
N TYR A 57 10.36 1.31 -0.49
CA TYR A 57 11.46 0.46 -0.96
C TYR A 57 12.79 1.19 -0.71
N SER A 58 12.87 2.48 -1.04
CA SER A 58 14.09 3.26 -0.83
C SER A 58 14.39 3.36 0.65
N ILE A 59 13.36 3.61 1.50
CA ILE A 59 13.56 3.73 2.94
C ILE A 59 14.10 2.47 3.57
N PHE A 60 13.42 1.34 3.39
CA PHE A 60 13.79 0.13 4.10
C PHE A 60 14.97 -0.61 3.47
N THR A 61 15.52 -0.14 2.31
CA THR A 61 16.76 -0.73 1.78
C THR A 61 17.94 0.14 2.24
N ASP A 62 17.66 1.28 2.91
CA ASP A 62 18.75 2.10 3.43
C ASP A 62 19.35 1.36 4.65
N GLN A 63 20.68 1.28 4.74
CA GLN A 63 21.37 0.56 5.82
C GLN A 63 21.06 1.08 7.22
N LEU A 64 20.66 2.37 7.39
CA LEU A 64 20.29 2.87 8.70
C LEU A 64 18.77 2.83 8.91
N LYS A 65 17.95 3.26 7.91
CA LYS A 65 16.51 3.35 8.10
C LYS A 65 15.84 2.00 8.14
N CYS A 66 16.48 0.96 7.56
CA CYS A 66 15.92 -0.41 7.56
C CYS A 66 15.64 -0.88 8.99
N ASN A 67 16.37 -0.32 9.97
CA ASN A 67 16.25 -0.74 11.37
C ASN A 67 15.30 0.08 12.21
N LEU A 68 14.72 1.13 11.63
CA LEU A 68 13.81 1.98 12.40
C LEU A 68 12.47 1.33 12.57
N SER A 69 11.90 1.50 13.77
CA SER A 69 10.60 0.96 14.12
CA SER A 69 10.59 0.93 14.04
C SER A 69 9.49 1.98 13.87
N VAL A 70 9.88 3.24 13.67
CA VAL A 70 8.94 4.35 13.44
C VAL A 70 9.43 5.14 12.25
N ILE A 71 8.54 5.46 11.31
CA ILE A 71 8.89 6.33 10.19
C ILE A 71 7.90 7.48 10.20
N ASN A 72 8.40 8.72 10.23
CA ASN A 72 7.55 9.89 10.20
C ASN A 72 7.45 10.44 8.79
N LEU A 73 6.26 10.49 8.23
CA LEU A 73 6.08 11.06 6.88
C LEU A 73 6.04 12.60 6.91
N ASP A 74 6.22 13.20 5.74
CA ASP A 74 6.17 14.66 5.57
C ASP A 74 4.84 15.20 6.17
N PRO A 75 4.86 16.31 6.95
CA PRO A 75 3.60 16.83 7.55
C PRO A 75 2.52 17.27 6.56
N GLU A 76 2.88 17.43 5.29
CA GLU A 76 1.91 17.81 4.24
C GLU A 76 1.05 16.60 3.85
N ILE A 77 1.46 15.38 4.21
CA ILE A 77 0.70 14.19 3.84
C ILE A 77 -0.55 14.08 4.68
N ASN A 78 -1.66 13.87 3.99
CA ASN A 78 -2.96 13.72 4.61
C ASN A 78 -3.11 12.31 5.22
N PRO A 79 -3.44 12.17 6.52
CA PRO A 79 -3.62 10.82 7.10
C PRO A 79 -4.68 9.97 6.43
N GLU A 80 -5.82 10.57 6.03
CA GLU A 80 -6.87 9.78 5.35
C GLU A 80 -6.34 9.28 3.99
N GLY A 81 -5.63 10.13 3.26
CA GLY A 81 -5.01 9.74 1.99
C GLY A 81 -4.05 8.57 2.21
N PHE A 82 -3.23 8.64 3.30
CA PHE A 82 -2.30 7.56 3.59
C PHE A 82 -3.11 6.30 3.94
N CYS A 83 -4.15 6.44 4.77
CA CYS A 83 -4.97 5.28 5.16
C CYS A 83 -5.54 4.56 3.91
N ILE A 84 -6.08 5.35 2.97
CA ILE A 84 -6.66 4.78 1.74
C ILE A 84 -5.60 4.04 0.95
N LEU A 85 -4.36 4.62 0.88
CA LEU A 85 -3.28 3.96 0.16
C LEU A 85 -2.77 2.72 0.87
N LEU A 86 -2.72 2.74 2.20
CA LEU A 86 -2.29 1.55 2.95
C LEU A 86 -3.33 0.43 2.78
N ASP A 87 -4.61 0.79 2.78
CA ASP A 87 -5.63 -0.23 2.53
C ASP A 87 -5.49 -0.80 1.13
N PHE A 88 -5.19 0.07 0.16
CA PHE A 88 -4.99 -0.39 -1.22
C PHE A 88 -3.77 -1.35 -1.28
N MET A 89 -2.67 -1.01 -0.58
CA MET A 89 -1.50 -1.90 -0.60
C MET A 89 -1.88 -3.33 -0.15
N TYR A 90 -2.72 -3.42 0.87
CA TYR A 90 -3.07 -4.72 1.47
C TYR A 90 -4.27 -5.39 0.85
N THR A 91 -4.97 -4.70 -0.08
CA THR A 91 -6.19 -5.32 -0.62
C THR A 91 -6.41 -5.23 -2.11
N SER A 92 -5.64 -4.38 -2.81
N SER A 92 -5.69 -4.31 -2.78
CA SER A 92 -5.79 -4.08 -4.25
CA SER A 92 -5.81 -3.94 -4.20
C SER A 92 -6.97 -3.15 -4.50
C SER A 92 -7.04 -3.04 -4.42
N ARG A 93 -7.68 -2.72 -3.45
N ARG A 93 -7.79 -2.72 -3.35
CA ARG A 93 -8.89 -1.89 -3.62
CA ARG A 93 -9.01 -1.91 -3.42
C ARG A 93 -8.62 -0.50 -3.16
C ARG A 93 -8.73 -0.46 -3.05
N LEU A 94 -8.99 0.47 -3.99
CA LEU A 94 -8.74 1.89 -3.74
C LEU A 94 -10.06 2.61 -3.57
N ASN A 95 -10.27 3.21 -2.39
CA ASN A 95 -11.51 3.91 -2.08
C ASN A 95 -11.37 5.34 -2.59
N LEU A 96 -11.49 5.52 -3.89
CA LEU A 96 -11.28 6.81 -4.53
C LEU A 96 -12.61 7.52 -4.67
N ARG A 97 -12.71 8.70 -4.06
CA ARG A 97 -13.95 9.49 -4.00
C ARG A 97 -13.68 10.94 -4.34
N GLU A 98 -14.72 11.69 -4.77
CA GLU A 98 -14.55 13.11 -5.08
C GLU A 98 -13.88 13.85 -3.92
N GLY A 99 -14.28 13.53 -2.69
CA GLY A 99 -13.77 14.23 -1.50
C GLY A 99 -12.37 13.86 -1.10
N ASN A 100 -11.80 12.77 -1.66
CA ASN A 100 -10.45 12.40 -1.27
C ASN A 100 -9.46 12.31 -2.42
N ILE A 101 -9.92 12.44 -3.67
CA ILE A 101 -9.01 12.19 -4.80
C ILE A 101 -7.74 13.05 -4.80
N MET A 102 -7.85 14.33 -4.49
CA MET A 102 -6.64 15.14 -4.50
C MET A 102 -5.64 14.68 -3.47
N ALA A 103 -6.11 14.35 -2.23
CA ALA A 103 -5.23 13.87 -1.16
C ALA A 103 -4.65 12.50 -1.55
N VAL A 104 -5.46 11.61 -2.13
CA VAL A 104 -4.94 10.28 -2.52
C VAL A 104 -3.87 10.45 -3.60
N MET A 105 -4.14 11.31 -4.60
CA MET A 105 -3.16 11.49 -5.67
C MET A 105 -1.84 12.04 -5.13
N ALA A 106 -1.92 13.08 -4.30
CA ALA A 106 -0.71 13.69 -3.74
C ALA A 106 0.06 12.67 -2.89
N THR A 107 -0.68 11.85 -2.12
CA THR A 107 -0.03 10.83 -1.29
C THR A 107 0.63 9.75 -2.18
N ALA A 108 -0.05 9.35 -3.27
CA ALA A 108 0.50 8.33 -4.16
C ALA A 108 1.74 8.85 -4.88
N MET A 109 1.75 10.14 -5.23
CA MET A 109 2.95 10.71 -5.85
C MET A 109 4.11 10.65 -4.86
N TYR A 110 3.87 11.03 -3.61
CA TYR A 110 4.90 11.01 -2.58
C TYR A 110 5.38 9.58 -2.30
N LEU A 111 4.43 8.62 -2.24
CA LEU A 111 4.81 7.22 -1.96
C LEU A 111 5.35 6.53 -3.19
N GLN A 112 5.30 7.18 -4.37
CA GLN A 112 5.79 6.59 -5.61
C GLN A 112 5.00 5.35 -5.94
N MET A 113 3.67 5.53 -6.05
CA MET A 113 2.73 4.45 -6.41
C MET A 113 2.08 4.88 -7.71
N GLU A 114 2.81 4.62 -8.80
CA GLU A 114 2.48 5.12 -10.14
C GLU A 114 1.13 4.66 -10.67
N HIS A 115 0.69 3.44 -10.38
CA HIS A 115 -0.63 3.01 -10.91
C HIS A 115 -1.77 3.79 -10.29
N VAL A 116 -1.63 4.11 -8.99
CA VAL A 116 -2.64 4.93 -8.31
C VAL A 116 -2.61 6.36 -8.88
N VAL A 117 -1.39 6.94 -9.05
CA VAL A 117 -1.31 8.28 -9.62
C VAL A 117 -2.03 8.30 -10.96
N ASP A 118 -1.77 7.29 -11.82
CA ASP A 118 -2.38 7.20 -13.14
C ASP A 118 -3.90 7.17 -13.10
N THR A 119 -4.52 6.36 -12.23
CA THR A 119 -6.00 6.33 -12.19
C THR A 119 -6.56 7.66 -11.66
N CYS A 120 -5.86 8.29 -10.71
CA CYS A 120 -6.28 9.59 -10.17
C CYS A 120 -6.27 10.61 -11.26
N ARG A 121 -5.21 10.65 -12.10
N ARG A 121 -5.21 10.65 -12.08
CA ARG A 121 -5.10 11.58 -13.21
CA ARG A 121 -5.12 11.59 -13.21
C ARG A 121 -6.25 11.40 -14.21
C ARG A 121 -6.28 11.40 -14.17
N LYS A 122 -6.63 10.13 -14.48
CA LYS A 122 -7.71 9.80 -15.39
C LYS A 122 -9.07 10.27 -14.84
N PHE A 123 -9.33 10.04 -13.54
CA PHE A 123 -10.59 10.45 -12.92
C PHE A 123 -10.70 11.97 -12.87
N ILE A 124 -9.59 12.65 -12.59
CA ILE A 124 -9.60 14.12 -12.56
C ILE A 124 -9.86 14.67 -13.96
N LYS A 125 -9.15 14.14 -14.97
CA LYS A 125 -9.30 14.58 -16.37
C LYS A 125 -10.74 14.40 -16.86
N ALA A 126 -11.39 13.29 -16.47
CA ALA A 126 -12.79 13.01 -16.82
C ALA A 126 -13.78 14.05 -16.26
N SER A 127 -13.46 14.66 -15.10
N SER A 127 -13.48 14.68 -15.11
CA SER A 127 -14.29 15.66 -14.42
CA SER A 127 -14.35 15.68 -14.51
C SER A 127 -13.99 17.10 -14.88
C SER A 127 -14.13 17.06 -15.13
N GLU A 128 -12.91 17.28 -15.68
CA GLU A 128 -12.50 18.57 -16.26
C GLU A 128 -13.01 18.68 -17.70
CA ALA B 1 -7.91 -23.39 -9.79
C ALA B 1 -6.45 -23.38 -10.25
N TRP B 2 -5.98 -24.52 -10.74
CA TRP B 2 -4.63 -24.67 -11.26
C TRP B 2 -4.68 -24.53 -12.78
N VAL B 3 -3.66 -23.91 -13.36
CA VAL B 3 -3.60 -23.72 -14.82
C VAL B 3 -2.16 -23.88 -15.34
N ILE B 4 -2.03 -23.92 -16.68
CA ILE B 4 -0.73 -23.88 -17.34
C ILE B 4 -0.48 -22.38 -17.51
N PRO B 5 0.53 -21.82 -16.81
CA PRO B 5 0.73 -20.36 -16.93
C PRO B 5 1.29 -19.94 -18.29
N ALA B 6 1.01 -18.67 -18.69
#